data_3VYP
#
_entry.id   3VYP
#
_cell.length_a   67.610
_cell.length_b   73.280
_cell.length_c   103.630
_cell.angle_alpha   90.00
_cell.angle_beta   90.00
_cell.angle_gamma   90.00
#
_symmetry.space_group_name_H-M   'P 21 21 21'
#
loop_
_entity.id
_entity.type
_entity.pdbx_description
1 polymer 'Probable conserved lipoprotein LPPS'
2 non-polymer GLYCEROL
3 non-polymer '(2S,3R,4S)-4-{[(3S,5R)-5-(dimethylcarbamoyl)pyrrolidin-3-yl]sulfanyl}-2-[(2S,3R)-3-hydroxy-1-oxobutan-2-yl]-3-methyl-3,4-dihydro-2H-pyrrole-5-carboxylic acid'
4 water water
#
_entity_poly.entity_id   1
_entity_poly.type   'polypeptide(L)'
_entity_poly.pdbx_seq_one_letter_code
;QLTFQTSSPAHLTMPYVMPGDGEVVGVGEPVAIRFDENIADRGAAEKAIKITTNPPVEGAFYWLNNREVRWRPEHFWKPG
TAVDVAVNTYGVDLGEGMFGEDNVQTHFTIGDEVIATADDNTKILTVRVNGEVVKSMPTSMGKDSTPTANGIYIVGSRYK
HIIMDSSTYGVPVNSPNGYRTDVDWATQISYSGVFVHSAPWSVGAQGHTNTSHGCLNVSPSNAQWFYDHVKRGDIVEVVN
TVGGTLPGIDGLGDWNIPWDQWRAGNAKA
;
_entity_poly.pdbx_strand_id   A,B
#
loop_
_chem_comp.id
_chem_comp.type
_chem_comp.name
_chem_comp.formula
GOL non-polymer GLYCEROL 'C3 H8 O3'
MXR non-polymer '(2S,3R,4S)-4-{[(3S,5R)-5-(dimethylcarbamoyl)pyrrolidin-3-yl]sulfanyl}-2-[(2S,3R)-3-hydroxy-1-oxobutan-2-yl]-3-methyl-3,4-dihydro-2H-pyrrole-5-carboxylic acid' 'C17 H27 N3 O5 S'
#
# COMPACT_ATOMS: atom_id res chain seq x y z
N LEU A 2 -17.75 12.51 -35.60
CA LEU A 2 -16.39 12.00 -35.55
C LEU A 2 -15.37 13.07 -35.90
N THR A 3 -14.48 13.36 -34.95
CA THR A 3 -13.43 14.35 -35.12
C THR A 3 -12.05 13.72 -34.92
N PHE A 4 -11.16 13.94 -35.87
CA PHE A 4 -9.80 13.42 -35.77
C PHE A 4 -9.02 14.12 -34.67
N GLN A 5 -8.31 13.32 -33.87
CA GLN A 5 -7.45 13.87 -32.84
C GLN A 5 -5.99 13.73 -33.25
N THR A 6 -5.36 14.85 -33.57
CA THR A 6 -3.94 14.88 -33.82
C THR A 6 -3.20 14.46 -32.57
N SER A 7 -2.06 13.80 -32.75
CA SER A 7 -1.25 13.39 -31.61
C SER A 7 0.22 13.73 -31.84
N SER A 8 1.04 13.42 -30.85
CA SER A 8 2.47 13.60 -30.93
C SER A 8 3.14 12.51 -30.14
N PRO A 9 4.14 11.83 -30.74
CA PRO A 9 4.84 10.72 -30.11
C PRO A 9 5.18 11.02 -28.65
N ALA A 10 5.06 10.03 -27.78
CA ALA A 10 5.39 10.14 -26.37
C ALA A 10 4.35 10.91 -25.56
N HIS A 11 3.19 11.17 -26.15
CA HIS A 11 2.13 11.89 -25.46
C HIS A 11 0.78 11.21 -25.62
N LEU A 12 0.82 9.89 -25.78
CA LEU A 12 -0.38 9.09 -25.95
C LEU A 12 -0.46 7.97 -24.90
N THR A 13 -1.66 7.72 -24.40
CA THR A 13 -1.90 6.57 -23.53
C THR A 13 -3.12 5.78 -24.00
N MET A 14 -2.98 4.46 -23.97
CA MET A 14 -4.04 3.56 -24.39
C MET A 14 -4.72 2.94 -23.18
N PRO A 15 -6.05 2.99 -23.15
CA PRO A 15 -6.80 2.29 -22.11
C PRO A 15 -7.01 0.84 -22.48
N TYR A 16 -7.01 -0.02 -21.47
CA TYR A 16 -7.30 -1.44 -21.62
C TYR A 16 -8.37 -1.77 -20.61
N VAL A 17 -9.45 -2.37 -21.08
CA VAL A 17 -10.61 -2.63 -20.23
CA VAL A 17 -10.59 -2.62 -20.21
C VAL A 17 -10.81 -4.10 -19.94
N MET A 18 -11.15 -4.41 -18.69
CA MET A 18 -11.54 -5.74 -18.27
CA MET A 18 -11.55 -5.74 -18.30
C MET A 18 -12.85 -5.65 -17.51
N PRO A 19 -13.66 -6.72 -17.51
CA PRO A 19 -13.43 -8.01 -18.17
C PRO A 19 -13.65 -7.94 -19.67
N GLY A 20 -13.52 -9.09 -20.34
CA GLY A 20 -13.58 -9.15 -21.78
C GLY A 20 -14.97 -8.92 -22.37
N ASP A 21 -15.01 -8.46 -23.61
CA ASP A 21 -16.27 -8.21 -24.30
C ASP A 21 -17.05 -9.52 -24.44
N GLY A 22 -18.29 -9.51 -23.95
CA GLY A 22 -19.15 -10.67 -24.05
C GLY A 22 -18.95 -11.71 -22.97
N GLU A 23 -18.00 -11.47 -22.07
CA GLU A 23 -17.72 -12.46 -21.03
C GLU A 23 -18.81 -12.55 -19.96
N VAL A 24 -18.95 -13.74 -19.39
CA VAL A 24 -19.78 -13.91 -18.21
C VAL A 24 -18.85 -14.03 -17.02
N VAL A 25 -19.04 -13.18 -16.02
CA VAL A 25 -18.14 -13.13 -14.87
C VAL A 25 -18.91 -13.26 -13.56
N GLY A 26 -18.18 -13.50 -12.47
CA GLY A 26 -18.79 -13.63 -11.16
C GLY A 26 -19.25 -12.33 -10.53
N VAL A 27 -19.91 -12.47 -9.38
CA VAL A 27 -20.59 -11.34 -8.73
C VAL A 27 -19.63 -10.37 -8.07
N GLY A 28 -18.35 -10.73 -8.01
CA GLY A 28 -17.35 -9.85 -7.45
C GLY A 28 -16.50 -9.07 -8.46
N GLU A 29 -16.79 -9.21 -9.75
CA GLU A 29 -15.92 -8.63 -10.78
C GLU A 29 -16.09 -7.13 -10.93
N PRO A 30 -15.04 -6.35 -10.62
CA PRO A 30 -15.13 -4.91 -10.88
C PRO A 30 -14.89 -4.62 -12.36
N VAL A 31 -15.42 -3.49 -12.84
CA VAL A 31 -14.97 -2.97 -14.12
C VAL A 31 -13.57 -2.42 -13.90
N ALA A 32 -12.65 -2.73 -14.82
CA ALA A 32 -11.28 -2.24 -14.69
C ALA A 32 -10.84 -1.52 -15.95
N ILE A 33 -10.31 -0.31 -15.79
CA ILE A 33 -9.69 0.38 -16.90
C ILE A 33 -8.25 0.68 -16.51
N ARG A 34 -7.32 0.04 -17.21
CA ARG A 34 -5.91 0.20 -16.93
C ARG A 34 -5.25 0.89 -18.11
N PHE A 35 -4.51 1.96 -17.82
CA PHE A 35 -3.83 2.72 -18.86
C PHE A 35 -2.36 2.31 -18.94
N ASP A 36 -1.77 2.44 -20.12
CA ASP A 36 -0.36 2.07 -20.27
C ASP A 36 0.60 3.19 -19.86
N GLU A 37 0.04 4.26 -19.33
CA GLU A 37 0.82 5.35 -18.74
C GLU A 37 0.18 5.76 -17.42
N ASN A 38 0.94 6.43 -16.57
CA ASN A 38 0.37 7.04 -15.37
C ASN A 38 -0.62 8.16 -15.73
N ILE A 39 -1.72 8.22 -15.00
CA ILE A 39 -2.74 9.23 -15.25
C ILE A 39 -2.68 10.33 -14.20
N ALA A 40 -2.42 11.56 -14.64
CA ALA A 40 -2.33 12.69 -13.70
C ALA A 40 -3.70 13.27 -13.39
N ASP A 41 -4.55 13.38 -14.39
CA ASP A 41 -5.89 13.94 -14.20
C ASP A 41 -6.92 12.82 -14.10
N ARG A 42 -7.08 12.28 -12.89
CA ARG A 42 -8.03 11.19 -12.66
C ARG A 42 -9.45 11.63 -12.94
N GLY A 43 -9.78 12.86 -12.58
CA GLY A 43 -11.12 13.39 -12.83
C GLY A 43 -11.48 13.36 -14.30
N ALA A 44 -10.53 13.74 -15.16
CA ALA A 44 -10.75 13.71 -16.60
C ALA A 44 -11.00 12.29 -17.08
N ALA A 45 -10.22 11.34 -16.58
CA ALA A 45 -10.39 9.94 -16.96
C ALA A 45 -11.78 9.44 -16.56
N GLU A 46 -12.20 9.73 -15.33
CA GLU A 46 -13.50 9.26 -14.86
C GLU A 46 -14.63 9.88 -15.67
N LYS A 47 -14.50 11.15 -16.01
CA LYS A 47 -15.53 11.85 -16.77
C LYS A 47 -15.71 11.21 -18.14
N ALA A 48 -14.60 10.68 -18.68
CA ALA A 48 -14.60 10.09 -20.01
C ALA A 48 -15.09 8.64 -20.04
N ILE A 49 -15.33 8.06 -18.87
CA ILE A 49 -15.74 6.67 -18.79
C ILE A 49 -17.18 6.55 -18.33
N LYS A 50 -18.02 5.99 -19.19
CA LYS A 50 -19.44 5.86 -18.92
C LYS A 50 -19.79 4.40 -18.70
N ILE A 51 -20.17 4.07 -17.48
CA ILE A 51 -20.57 2.71 -17.14
C ILE A 51 -22.05 2.72 -16.83
N THR A 52 -22.79 1.84 -17.50
CA THR A 52 -24.21 1.71 -17.26
C THR A 52 -24.55 0.26 -16.96
N THR A 53 -25.60 0.06 -16.17
CA THR A 53 -25.94 -1.25 -15.65
C THR A 53 -27.44 -1.51 -15.81
N ASN A 54 -27.80 -2.79 -15.91
CA ASN A 54 -29.20 -3.16 -16.07
C ASN A 54 -29.43 -4.55 -15.51
N PRO A 55 -30.20 -4.68 -14.41
CA PRO A 55 -30.86 -3.60 -13.66
C PRO A 55 -29.88 -2.58 -13.10
N PRO A 56 -30.28 -1.32 -13.05
CA PRO A 56 -29.36 -0.24 -12.65
C PRO A 56 -29.00 -0.28 -11.17
N VAL A 57 -27.70 -0.18 -10.89
CA VAL A 57 -27.22 -0.10 -9.52
CA VAL A 57 -27.23 -0.07 -9.52
C VAL A 57 -26.20 1.04 -9.39
N GLU A 58 -26.13 1.63 -8.21
CA GLU A 58 -25.17 2.69 -7.93
C GLU A 58 -23.77 2.09 -7.88
N GLY A 59 -22.84 2.71 -8.58
CA GLY A 59 -21.45 2.28 -8.57
C GLY A 59 -20.55 3.50 -8.55
N ALA A 60 -19.27 3.27 -8.33
CA ALA A 60 -18.33 4.40 -8.23
C ALA A 60 -16.91 3.95 -8.55
N PHE A 61 -16.10 4.93 -8.96
CA PHE A 61 -14.69 4.70 -9.31
C PHE A 61 -13.76 4.81 -8.11
N TYR A 62 -12.73 3.97 -8.09
CA TYR A 62 -11.64 4.08 -7.12
C TYR A 62 -10.35 3.65 -7.82
N TRP A 63 -9.29 4.43 -7.65
CA TRP A 63 -8.00 4.13 -8.27
C TRP A 63 -7.13 3.28 -7.36
N LEU A 64 -6.69 2.13 -7.84
CA LEU A 64 -5.81 1.26 -7.06
C LEU A 64 -4.40 1.80 -7.03
N ASN A 65 -4.05 2.56 -8.06
CA ASN A 65 -2.72 3.13 -8.25
C ASN A 65 -2.81 4.15 -9.39
N ASN A 66 -1.68 4.63 -9.89
CA ASN A 66 -1.69 5.65 -10.93
C ASN A 66 -2.10 5.14 -12.31
N ARG A 67 -2.17 3.83 -12.46
CA ARG A 67 -2.37 3.20 -13.77
C ARG A 67 -3.78 2.66 -13.97
N GLU A 68 -4.44 2.32 -12.86
CA GLU A 68 -5.65 1.51 -12.97
C GLU A 68 -6.79 1.98 -12.09
N VAL A 69 -7.94 2.20 -12.71
CA VAL A 69 -9.15 2.58 -11.98
C VAL A 69 -10.16 1.44 -12.02
N ARG A 70 -10.91 1.30 -10.93
CA ARG A 70 -11.90 0.25 -10.81
C ARG A 70 -13.27 0.87 -10.55
N TRP A 71 -14.32 0.19 -10.99
CA TRP A 71 -15.69 0.63 -10.73
C TRP A 71 -16.49 -0.57 -10.24
N ARG A 72 -17.21 -0.40 -9.15
CA ARG A 72 -18.07 -1.47 -8.64
C ARG A 72 -19.21 -0.87 -7.84
N PRO A 73 -20.28 -1.66 -7.62
CA PRO A 73 -21.33 -1.26 -6.68
C PRO A 73 -20.93 -1.51 -5.22
N GLU A 74 -21.84 -1.16 -4.32
CA GLU A 74 -21.62 -1.30 -2.90
C GLU A 74 -21.62 -2.77 -2.47
N HIS A 75 -22.50 -3.55 -3.09
CA HIS A 75 -22.61 -4.97 -2.80
C HIS A 75 -22.32 -5.79 -4.06
N PHE A 76 -22.07 -7.07 -3.88
CA PHE A 76 -21.83 -7.96 -5.02
C PHE A 76 -22.93 -7.79 -6.06
N TRP A 77 -22.58 -7.98 -7.32
CA TRP A 77 -23.55 -7.84 -8.40
C TRP A 77 -24.69 -8.84 -8.25
N LYS A 78 -25.88 -8.45 -8.68
CA LYS A 78 -26.97 -9.40 -8.81
C LYS A 78 -26.76 -10.23 -10.08
N PRO A 79 -26.83 -11.57 -9.95
CA PRO A 79 -26.71 -12.40 -11.16
C PRO A 79 -27.68 -11.96 -12.25
N GLY A 80 -27.22 -11.98 -13.50
CA GLY A 80 -28.03 -11.60 -14.64
C GLY A 80 -27.83 -10.16 -15.09
N THR A 81 -27.20 -9.35 -14.23
CA THR A 81 -26.96 -7.95 -14.54
C THR A 81 -26.12 -7.81 -15.82
N ALA A 82 -26.52 -6.88 -16.69
CA ALA A 82 -25.75 -6.55 -17.88
C ALA A 82 -24.99 -5.26 -17.61
N VAL A 83 -23.73 -5.21 -18.03
CA VAL A 83 -22.89 -4.06 -17.78
C VAL A 83 -22.28 -3.58 -19.09
N ASP A 84 -22.41 -2.29 -19.36
CA ASP A 84 -21.87 -1.67 -20.56
C ASP A 84 -20.82 -0.66 -20.17
N VAL A 85 -19.67 -0.71 -20.82
CA VAL A 85 -18.55 0.18 -20.50
C VAL A 85 -18.09 0.94 -21.74
N ALA A 86 -18.27 2.25 -21.72
CA ALA A 86 -17.83 3.10 -22.82
C ALA A 86 -16.66 3.95 -22.31
N VAL A 87 -15.46 3.63 -22.76
CA VAL A 87 -14.28 4.40 -22.39
C VAL A 87 -14.01 5.38 -23.51
N ASN A 88 -14.51 6.59 -23.35
CA ASN A 88 -14.50 7.60 -24.41
C ASN A 88 -13.31 8.55 -24.27
N THR A 89 -12.12 7.96 -24.25
CA THR A 89 -10.90 8.69 -23.94
C THR A 89 -10.16 9.26 -25.15
N TYR A 90 -10.63 8.98 -26.35
CA TYR A 90 -9.96 9.47 -27.56
C TYR A 90 -9.84 11.00 -27.55
N GLY A 91 -8.60 11.49 -27.56
CA GLY A 91 -8.33 12.91 -27.58
C GLY A 91 -8.49 13.61 -26.25
N VAL A 92 -8.82 12.86 -25.20
CA VAL A 92 -9.01 13.49 -23.89
C VAL A 92 -7.67 13.81 -23.25
N ASP A 93 -7.55 15.04 -22.75
CA ASP A 93 -6.35 15.45 -22.03
C ASP A 93 -6.38 14.81 -20.65
N LEU A 94 -5.47 13.86 -20.44
CA LEU A 94 -5.44 13.12 -19.18
C LEU A 94 -4.38 13.67 -18.22
N GLY A 95 -3.92 14.89 -18.50
CA GLY A 95 -3.00 15.58 -17.63
C GLY A 95 -1.55 15.44 -18.02
N GLU A 96 -0.78 16.50 -17.77
CA GLU A 96 0.66 16.49 -18.04
C GLU A 96 1.01 16.15 -19.49
N GLY A 97 0.19 16.65 -20.42
CA GLY A 97 0.46 16.50 -21.83
C GLY A 97 0.16 15.11 -22.39
N MET A 98 -0.47 14.27 -21.58
CA MET A 98 -0.83 12.92 -22.00
CA MET A 98 -0.83 12.93 -22.03
C MET A 98 -2.28 12.89 -22.49
N PHE A 99 -2.49 12.33 -23.69
CA PHE A 99 -3.82 12.27 -24.28
C PHE A 99 -4.27 10.84 -24.55
N GLY A 100 -5.57 10.61 -24.39
CA GLY A 100 -6.15 9.32 -24.69
C GLY A 100 -5.98 8.98 -26.15
N GLU A 101 -5.50 7.77 -26.42
CA GLU A 101 -5.14 7.38 -27.77
C GLU A 101 -6.32 6.83 -28.58
N ASP A 102 -7.32 6.31 -27.89
CA ASP A 102 -8.45 5.69 -28.57
C ASP A 102 -9.60 5.51 -27.60
N ASN A 103 -10.77 5.14 -28.12
CA ASN A 103 -11.89 4.74 -27.31
C ASN A 103 -11.93 3.22 -27.22
N VAL A 104 -12.59 2.69 -26.19
CA VAL A 104 -12.85 1.26 -26.08
CA VAL A 104 -12.87 1.27 -26.12
C VAL A 104 -14.28 1.06 -25.58
N GLN A 105 -14.94 0.02 -26.06
CA GLN A 105 -16.33 -0.24 -25.69
C GLN A 105 -16.57 -1.71 -25.48
N THR A 106 -16.83 -2.10 -24.23
CA THR A 106 -17.08 -3.49 -23.88
C THR A 106 -18.40 -3.68 -23.17
N HIS A 107 -18.89 -4.91 -23.21
CA HIS A 107 -20.10 -5.26 -22.48
CA HIS A 107 -20.13 -5.27 -22.53
C HIS A 107 -19.94 -6.65 -21.92
N PHE A 108 -20.46 -6.85 -20.71
CA PHE A 108 -20.39 -8.17 -20.11
C PHE A 108 -21.63 -8.45 -19.25
N THR A 109 -21.74 -9.67 -18.76
CA THR A 109 -22.86 -10.03 -17.90
C THR A 109 -22.38 -10.78 -16.67
N ILE A 110 -23.19 -10.73 -15.62
CA ILE A 110 -22.91 -11.42 -14.37
C ILE A 110 -23.58 -12.78 -14.34
N GLY A 111 -22.81 -13.80 -14.02
CA GLY A 111 -23.30 -15.17 -13.92
C GLY A 111 -23.82 -15.50 -12.53
N ASP A 112 -23.81 -16.79 -12.18
CA ASP A 112 -24.28 -17.25 -10.88
C ASP A 112 -23.46 -16.66 -9.74
N GLU A 113 -24.08 -16.56 -8.57
CA GLU A 113 -23.38 -16.15 -7.37
C GLU A 113 -22.58 -17.32 -6.84
N VAL A 114 -21.25 -17.23 -6.88
CA VAL A 114 -20.39 -18.30 -6.40
C VAL A 114 -19.44 -17.73 -5.37
N ILE A 115 -19.61 -18.19 -4.13
CA ILE A 115 -18.83 -17.68 -3.02
C ILE A 115 -18.23 -18.87 -2.27
N ALA A 116 -16.90 -18.92 -2.22
CA ALA A 116 -16.22 -19.98 -1.50
C ALA A 116 -15.64 -19.41 -0.22
N THR A 117 -16.00 -20.02 0.90
CA THR A 117 -15.55 -19.55 2.19
C THR A 117 -14.50 -20.48 2.75
N ALA A 118 -13.31 -19.94 3.01
CA ALA A 118 -12.25 -20.71 3.63
C ALA A 118 -12.17 -20.35 5.10
N ASP A 119 -12.66 -21.25 5.95
CA ASP A 119 -12.72 -21.00 7.38
C ASP A 119 -11.51 -21.63 8.07
N ASP A 120 -10.64 -20.79 8.61
CA ASP A 120 -9.40 -21.26 9.25
C ASP A 120 -9.70 -22.11 10.47
N ASN A 121 -10.87 -21.93 11.08
CA ASN A 121 -11.19 -22.69 12.28
C ASN A 121 -11.54 -24.15 12.00
N THR A 122 -12.24 -24.39 10.90
CA THR A 122 -12.60 -25.75 10.50
C THR A 122 -11.60 -26.33 9.49
N LYS A 123 -10.84 -25.44 8.84
CA LYS A 123 -9.93 -25.84 7.76
C LYS A 123 -10.70 -26.49 6.61
N ILE A 124 -11.91 -25.98 6.39
CA ILE A 124 -12.71 -26.39 5.24
C ILE A 124 -12.99 -25.20 4.33
N LEU A 125 -12.83 -25.42 3.03
CA LEU A 125 -13.19 -24.44 2.01
CA LEU A 125 -13.21 -24.44 2.03
C LEU A 125 -14.52 -24.87 1.42
N THR A 126 -15.58 -24.10 1.69
CA THR A 126 -16.93 -24.46 1.25
C THR A 126 -17.39 -23.59 0.11
N VAL A 127 -17.77 -24.23 -1.00
CA VAL A 127 -18.21 -23.49 -2.18
C VAL A 127 -19.73 -23.46 -2.24
N ARG A 128 -20.28 -22.26 -2.26
CA ARG A 128 -21.71 -22.06 -2.37
C ARG A 128 -22.06 -21.35 -3.66
N VAL A 129 -22.99 -21.96 -4.39
CA VAL A 129 -23.49 -21.40 -5.63
C VAL A 129 -24.91 -20.96 -5.37
N ASN A 130 -25.19 -19.66 -5.47
CA ASN A 130 -26.51 -19.14 -5.23
C ASN A 130 -27.06 -19.61 -3.88
N GLY A 131 -26.18 -19.77 -2.89
CA GLY A 131 -26.64 -20.10 -1.55
C GLY A 131 -26.56 -21.56 -1.12
N GLU A 132 -26.45 -22.46 -2.08
CA GLU A 132 -26.37 -23.89 -1.75
C GLU A 132 -24.94 -24.39 -1.81
N VAL A 133 -24.58 -25.19 -0.82
CA VAL A 133 -23.29 -25.83 -0.78
C VAL A 133 -23.20 -26.86 -1.89
N VAL A 134 -22.18 -26.73 -2.74
CA VAL A 134 -21.95 -27.68 -3.80
C VAL A 134 -20.66 -28.46 -3.57
N LYS A 135 -19.80 -27.96 -2.69
CA LYS A 135 -18.49 -28.57 -2.47
C LYS A 135 -17.90 -28.19 -1.13
N SER A 136 -17.33 -29.17 -0.44
CA SER A 136 -16.61 -28.94 0.82
C SER A 136 -15.23 -29.57 0.68
N MET A 137 -14.19 -28.74 0.69
CA MET A 137 -12.85 -29.28 0.51
C MET A 137 -11.92 -28.96 1.68
N PRO A 138 -11.27 -30.00 2.23
CA PRO A 138 -10.26 -29.75 3.25
C PRO A 138 -9.17 -28.87 2.68
N THR A 139 -8.69 -27.93 3.48
CA THR A 139 -7.62 -27.04 3.04
C THR A 139 -6.56 -26.89 4.14
N SER A 140 -5.37 -26.53 3.72
CA SER A 140 -4.31 -26.14 4.63
C SER A 140 -3.86 -24.76 4.19
N MET A 141 -3.94 -23.80 5.10
CA MET A 141 -3.57 -22.41 4.78
C MET A 141 -2.22 -22.06 5.40
N GLY A 142 -1.88 -20.77 5.43
CA GLY A 142 -0.55 -20.36 5.83
C GLY A 142 -0.23 -20.69 7.28
N LYS A 143 0.99 -21.15 7.53
CA LYS A 143 1.41 -21.44 8.90
C LYS A 143 1.45 -20.14 9.70
N ASP A 144 1.55 -20.24 11.02
CA ASP A 144 1.45 -19.05 11.89
C ASP A 144 2.46 -17.98 11.50
N SER A 145 3.64 -18.38 11.04
CA SER A 145 4.70 -17.43 10.68
C SER A 145 4.51 -16.83 9.30
N THR A 146 3.65 -17.44 8.50
CA THR A 146 3.36 -16.96 7.15
C THR A 146 1.87 -17.16 6.86
N PRO A 147 1.02 -16.42 7.57
CA PRO A 147 -0.42 -16.75 7.56
C PRO A 147 -1.13 -16.24 6.32
N THR A 148 -2.27 -16.84 6.02
CA THR A 148 -3.15 -16.34 4.97
C THR A 148 -3.92 -15.15 5.48
N ALA A 149 -3.96 -14.07 4.72
CA ALA A 149 -4.71 -12.90 5.14
C ALA A 149 -6.22 -13.16 5.08
N ASN A 150 -6.95 -12.66 6.07
CA ASN A 150 -8.40 -12.69 6.00
C ASN A 150 -8.92 -11.70 4.98
N GLY A 151 -10.16 -11.92 4.55
CA GLY A 151 -10.82 -10.93 3.71
C GLY A 151 -11.49 -11.50 2.49
N ILE A 152 -11.98 -10.59 1.65
CA ILE A 152 -12.66 -10.95 0.42
C ILE A 152 -11.68 -10.87 -0.74
N TYR A 153 -11.53 -11.99 -1.46
CA TYR A 153 -10.64 -12.07 -2.60
C TYR A 153 -11.47 -12.31 -3.85
N ILE A 154 -11.14 -11.60 -4.92
CA ILE A 154 -11.79 -11.84 -6.20
C ILE A 154 -10.97 -12.86 -6.99
N VAL A 155 -11.66 -13.85 -7.56
CA VAL A 155 -11.00 -14.84 -8.39
C VAL A 155 -10.51 -14.21 -9.69
N GLY A 156 -9.24 -14.46 -10.03
CA GLY A 156 -8.63 -13.95 -11.24
C GLY A 156 -8.35 -15.05 -12.24
N SER A 157 -7.10 -15.11 -12.70
CA SER A 157 -6.69 -16.10 -13.71
C SER A 157 -6.54 -17.51 -13.16
N ARG A 158 -6.51 -18.49 -14.05
CA ARG A 158 -6.31 -19.88 -13.65
C ARG A 158 -5.27 -20.53 -14.54
N TYR A 159 -4.57 -21.51 -13.99
CA TYR A 159 -3.46 -22.17 -14.68
C TYR A 159 -3.54 -23.67 -14.46
N LYS A 160 -3.42 -24.45 -15.53
CA LYS A 160 -3.29 -25.89 -15.38
C LYS A 160 -1.99 -26.22 -14.65
N HIS A 161 -0.97 -25.40 -14.90
CA HIS A 161 0.32 -25.56 -14.27
C HIS A 161 1.00 -24.21 -14.15
N ILE A 162 1.68 -23.98 -13.04
CA ILE A 162 2.41 -22.73 -12.83
C ILE A 162 3.62 -22.99 -11.94
N ILE A 163 4.66 -22.18 -12.12
CA ILE A 163 5.87 -22.26 -11.34
C ILE A 163 5.85 -21.21 -10.23
N MET A 164 5.99 -21.66 -8.99
CA MET A 164 6.17 -20.75 -7.87
C MET A 164 7.66 -20.62 -7.62
N ASP A 165 8.20 -19.45 -7.92
CA ASP A 165 9.63 -19.21 -7.84
C ASP A 165 9.91 -18.05 -6.91
N SER A 166 10.54 -18.33 -5.77
CA SER A 166 10.76 -17.32 -4.74
C SER A 166 11.67 -16.19 -5.20
N SER A 167 12.39 -16.40 -6.30
CA SER A 167 13.32 -15.39 -6.79
C SER A 167 12.61 -14.18 -7.40
N THR A 168 11.36 -14.37 -7.81
CA THR A 168 10.57 -13.23 -8.29
C THR A 168 10.11 -12.40 -7.09
N TYR A 169 10.29 -12.94 -5.90
CA TYR A 169 9.98 -12.23 -4.67
C TYR A 169 11.27 -11.76 -4.00
N GLY A 170 12.37 -11.84 -4.74
CA GLY A 170 13.65 -11.34 -4.26
C GLY A 170 14.37 -12.32 -3.34
N VAL A 171 13.83 -13.53 -3.23
CA VAL A 171 14.43 -14.55 -2.38
C VAL A 171 15.05 -15.68 -3.21
N PRO A 172 16.39 -15.83 -3.14
CA PRO A 172 17.08 -16.89 -3.88
C PRO A 172 16.51 -18.27 -3.55
N VAL A 173 16.37 -19.11 -4.57
CA VAL A 173 15.82 -20.45 -4.38
C VAL A 173 16.63 -21.24 -3.36
N ASN A 174 17.93 -20.98 -3.31
CA ASN A 174 18.85 -21.68 -2.42
C ASN A 174 18.97 -21.03 -1.04
N SER A 175 17.85 -20.97 -0.32
CA SER A 175 17.83 -20.37 1.01
C SER A 175 16.47 -20.56 1.67
N PRO A 176 16.28 -21.70 2.36
CA PRO A 176 15.02 -22.02 3.04
C PRO A 176 14.24 -20.75 3.35
N ASN A 177 13.02 -20.68 2.83
CA ASN A 177 12.28 -19.43 2.62
C ASN A 177 12.33 -19.15 1.13
N GLY A 178 13.20 -19.89 0.44
CA GLY A 178 13.29 -19.86 -1.00
C GLY A 178 12.80 -21.20 -1.55
N TYR A 179 12.36 -21.20 -2.80
CA TYR A 179 11.72 -22.39 -3.37
C TYR A 179 11.51 -22.23 -4.87
N ARG A 180 11.41 -23.35 -5.57
CA ARG A 180 11.01 -23.37 -6.96
C ARG A 180 10.05 -24.52 -7.17
N THR A 181 8.75 -24.23 -7.04
CA THR A 181 7.72 -25.25 -6.95
C THR A 181 6.85 -25.36 -8.20
N ASP A 182 6.76 -26.56 -8.74
CA ASP A 182 5.78 -26.87 -9.78
C ASP A 182 4.43 -27.10 -9.13
N VAL A 183 3.42 -26.40 -9.63
CA VAL A 183 2.08 -26.48 -9.06
C VAL A 183 1.02 -26.72 -10.14
N ASP A 184 0.11 -27.66 -9.87
CA ASP A 184 -1.02 -27.95 -10.75
C ASP A 184 -2.29 -27.25 -10.31
N TRP A 185 -3.16 -26.93 -11.27
CA TRP A 185 -4.52 -26.46 -11.01
C TRP A 185 -4.54 -25.28 -10.04
N ALA A 186 -3.96 -24.17 -10.47
CA ALA A 186 -3.80 -23.00 -9.61
C ALA A 186 -4.75 -21.89 -10.03
N THR A 187 -5.59 -21.49 -9.09
CA THR A 187 -6.51 -20.38 -9.31
C THR A 187 -6.03 -19.17 -8.53
N GLN A 188 -5.74 -18.08 -9.23
CA GLN A 188 -5.22 -16.87 -8.58
C GLN A 188 -6.32 -16.14 -7.84
N ILE A 189 -6.03 -15.76 -6.60
CA ILE A 189 -7.00 -14.94 -5.85
C ILE A 189 -6.41 -13.63 -5.31
N SER A 190 -5.11 -13.42 -5.46
CA SER A 190 -4.52 -12.10 -5.23
C SER A 190 -3.36 -11.82 -6.17
N TYR A 191 -3.18 -10.55 -6.52
CA TYR A 191 -2.01 -10.16 -7.30
C TYR A 191 -0.73 -10.44 -6.55
N SER A 192 -0.80 -10.37 -5.22
CA SER A 192 0.39 -10.58 -4.39
C SER A 192 0.89 -12.02 -4.48
N GLY A 193 0.05 -12.91 -4.98
CA GLY A 193 0.50 -14.27 -5.26
C GLY A 193 -0.20 -15.39 -4.51
N VAL A 194 -1.35 -15.09 -3.90
CA VAL A 194 -2.15 -16.12 -3.25
C VAL A 194 -2.98 -16.89 -4.28
N PHE A 195 -2.91 -18.22 -4.20
CA PHE A 195 -3.65 -19.10 -5.10
C PHE A 195 -4.36 -20.18 -4.30
N VAL A 196 -5.45 -20.70 -4.86
CA VAL A 196 -5.96 -22.00 -4.47
C VAL A 196 -5.29 -22.99 -5.42
N HIS A 197 -4.65 -24.04 -4.91
CA HIS A 197 -3.95 -24.95 -5.82
C HIS A 197 -3.76 -26.34 -5.24
N SER A 198 -3.39 -27.26 -6.12
CA SER A 198 -3.14 -28.64 -5.74
C SER A 198 -1.87 -28.73 -4.90
N ALA A 199 -1.96 -29.45 -3.79
CA ALA A 199 -0.78 -29.63 -2.93
C ALA A 199 -0.78 -31.02 -2.34
N PRO A 200 -0.39 -32.02 -3.13
CA PRO A 200 -0.30 -33.39 -2.64
C PRO A 200 0.59 -33.50 -1.40
N TRP A 201 1.55 -32.60 -1.27
CA TRP A 201 2.49 -32.66 -0.15
C TRP A 201 1.89 -32.28 1.21
N SER A 202 0.66 -31.77 1.22
CA SER A 202 0.04 -31.41 2.49
C SER A 202 -1.33 -32.05 2.69
N VAL A 203 -1.61 -33.11 1.93
CA VAL A 203 -2.92 -33.76 2.04
C VAL A 203 -3.23 -34.20 3.46
N GLY A 204 -2.22 -34.60 4.21
CA GLY A 204 -2.41 -35.04 5.58
C GLY A 204 -2.84 -33.91 6.50
N ALA A 205 -2.35 -32.71 6.21
CA ALA A 205 -2.65 -31.53 7.02
C ALA A 205 -3.94 -30.84 6.60
N GLN A 206 -4.36 -31.04 5.36
CA GLN A 206 -5.57 -30.40 4.86
C GLN A 206 -6.76 -30.85 5.71
N GLY A 207 -7.51 -29.87 6.23
CA GLY A 207 -8.62 -30.15 7.12
C GLY A 207 -8.20 -30.19 8.58
N HIS A 208 -6.91 -29.96 8.86
CA HIS A 208 -6.39 -30.15 10.22
C HIS A 208 -5.43 -29.08 10.69
N THR A 209 -4.37 -28.84 9.92
CA THR A 209 -3.35 -27.90 10.34
C THR A 209 -2.88 -27.05 9.17
N ASN A 210 -2.37 -25.86 9.49
CA ASN A 210 -1.85 -24.95 8.48
C ASN A 210 -0.37 -25.16 8.26
N THR A 211 0.02 -25.42 7.01
CA THR A 211 1.42 -25.72 6.69
C THR A 211 1.95 -24.96 5.48
N SER A 212 1.13 -24.12 4.85
CA SER A 212 1.53 -23.45 3.62
C SER A 212 2.23 -22.12 3.83
N HIS A 213 2.65 -21.50 2.74
CA HIS A 213 3.27 -20.17 2.79
C HIS A 213 2.23 -19.06 2.77
N GLY A 214 0.96 -19.44 2.68
CA GLY A 214 -0.13 -18.47 2.60
C GLY A 214 -1.19 -18.87 1.59
N CYS A 215 -0.80 -19.68 0.63
CA CYS A 215 -1.74 -20.21 -0.35
C CYS A 215 -2.73 -21.18 0.25
N LEU A 216 -3.84 -21.37 -0.44
CA LEU A 216 -4.85 -22.34 -0.01
CA LEU A 216 -4.86 -22.33 -0.03
C LEU A 216 -4.57 -23.68 -0.65
N ASN A 217 -3.90 -24.56 0.10
CA ASN A 217 -3.59 -25.90 -0.36
C ASN A 217 -4.83 -26.80 -0.30
N VAL A 218 -5.15 -27.46 -1.41
CA VAL A 218 -6.20 -28.48 -1.42
C VAL A 218 -5.72 -29.70 -2.20
N SER A 219 -6.54 -30.75 -2.23
CA SER A 219 -6.16 -31.98 -2.93
C SER A 219 -6.09 -31.74 -4.45
N PRO A 220 -5.34 -32.60 -5.15
CA PRO A 220 -5.30 -32.49 -6.62
C PRO A 220 -6.70 -32.48 -7.24
N SER A 221 -7.58 -33.38 -6.79
CA SER A 221 -8.93 -33.45 -7.37
CA SER A 221 -8.94 -33.46 -7.35
C SER A 221 -9.75 -32.21 -7.04
N ASN A 222 -9.60 -31.69 -5.83
CA ASN A 222 -10.35 -30.51 -5.43
C ASN A 222 -9.85 -29.24 -6.13
N ALA A 223 -8.55 -29.19 -6.38
CA ALA A 223 -7.95 -28.06 -7.07
C ALA A 223 -8.39 -28.05 -8.53
N GLN A 224 -8.42 -29.22 -9.15
CA GLN A 224 -8.91 -29.29 -10.52
C GLN A 224 -10.38 -28.89 -10.57
N TRP A 225 -11.15 -29.32 -9.59
CA TRP A 225 -12.56 -28.95 -9.51
C TRP A 225 -12.70 -27.43 -9.47
N PHE A 226 -11.90 -26.80 -8.62
CA PHE A 226 -11.92 -25.35 -8.47
C PHE A 226 -11.57 -24.66 -9.79
N TYR A 227 -10.53 -25.18 -10.44
CA TYR A 227 -10.10 -24.69 -11.75
C TYR A 227 -11.23 -24.80 -12.77
N ASP A 228 -11.96 -25.91 -12.73
CA ASP A 228 -13.02 -26.18 -13.70
C ASP A 228 -14.31 -25.40 -13.46
N HIS A 229 -14.66 -25.17 -12.20
CA HIS A 229 -15.98 -24.70 -11.86
C HIS A 229 -16.05 -23.27 -11.33
N VAL A 230 -14.91 -22.72 -10.91
CA VAL A 230 -14.88 -21.36 -10.41
CA VAL A 230 -14.87 -21.35 -10.40
C VAL A 230 -14.31 -20.44 -11.49
N LYS A 231 -14.96 -19.31 -11.71
CA LYS A 231 -14.55 -18.41 -12.78
C LYS A 231 -14.15 -17.03 -12.30
N ARG A 232 -13.53 -16.28 -13.21
CA ARG A 232 -13.13 -14.92 -12.93
CA ARG A 232 -13.13 -14.91 -12.94
C ARG A 232 -14.29 -14.12 -12.35
N GLY A 233 -14.03 -13.45 -11.23
CA GLY A 233 -15.08 -12.65 -10.60
C GLY A 233 -15.84 -13.35 -9.50
N ASP A 234 -15.71 -14.68 -9.40
CA ASP A 234 -16.27 -15.37 -8.24
C ASP A 234 -15.50 -14.92 -7.00
N ILE A 235 -16.00 -15.28 -5.83
CA ILE A 235 -15.44 -14.77 -4.58
C ILE A 235 -14.89 -15.88 -3.71
N VAL A 236 -13.71 -15.64 -3.14
CA VAL A 236 -13.22 -16.46 -2.03
C VAL A 236 -13.12 -15.57 -0.81
N GLU A 237 -13.82 -15.94 0.26
CA GLU A 237 -13.68 -15.22 1.51
C GLU A 237 -12.92 -16.06 2.52
N VAL A 238 -11.82 -15.51 3.02
CA VAL A 238 -11.03 -16.17 4.04
C VAL A 238 -11.41 -15.58 5.39
N VAL A 239 -11.71 -16.43 6.36
CA VAL A 239 -12.12 -15.96 7.67
CA VAL A 239 -12.14 -15.97 7.67
C VAL A 239 -11.39 -16.72 8.77
N ASN A 240 -11.18 -16.04 9.90
CA ASN A 240 -10.65 -16.63 11.13
C ASN A 240 -9.17 -16.98 11.16
N THR A 241 -8.38 -16.54 10.19
CA THR A 241 -6.95 -16.82 10.28
C THR A 241 -6.32 -15.90 11.31
N VAL A 242 -5.08 -16.18 11.67
CA VAL A 242 -4.35 -15.30 12.58
C VAL A 242 -3.71 -14.12 11.84
N GLY A 243 -3.94 -14.03 10.54
CA GLY A 243 -3.37 -12.95 9.75
C GLY A 243 -4.19 -11.67 9.83
N GLY A 244 -3.75 -10.64 9.13
CA GLY A 244 -4.50 -9.40 9.04
C GLY A 244 -5.51 -9.50 7.90
N THR A 245 -5.77 -8.37 7.24
CA THR A 245 -6.71 -8.35 6.14
C THR A 245 -5.99 -8.05 4.83
N LEU A 246 -6.45 -8.67 3.75
CA LEU A 246 -5.88 -8.42 2.44
C LEU A 246 -6.00 -6.93 2.08
N PRO A 247 -4.90 -6.34 1.58
CA PRO A 247 -4.97 -4.92 1.17
C PRO A 247 -6.01 -4.66 0.09
N GLY A 248 -6.75 -3.58 0.26
CA GLY A 248 -7.79 -3.21 -0.69
C GLY A 248 -7.27 -2.88 -2.07
N ILE A 249 -6.01 -2.48 -2.17
CA ILE A 249 -5.45 -2.09 -3.47
CA ILE A 249 -5.43 -2.09 -3.45
C ILE A 249 -4.61 -3.20 -4.09
N ASP A 250 -4.73 -4.41 -3.57
CA ASP A 250 -3.97 -5.55 -4.09
C ASP A 250 -4.05 -5.71 -5.60
N GLY A 251 -5.27 -5.57 -6.13
CA GLY A 251 -5.56 -5.94 -7.51
C GLY A 251 -6.78 -6.83 -7.54
N LEU A 252 -6.94 -7.65 -6.51
CA LEU A 252 -8.13 -8.49 -6.38
C LEU A 252 -8.77 -8.34 -4.99
N GLY A 253 -8.36 -7.29 -4.28
CA GLY A 253 -8.85 -7.07 -2.92
C GLY A 253 -9.85 -5.93 -2.76
N ASP A 254 -10.44 -5.49 -3.89
CA ASP A 254 -11.29 -4.32 -3.96
C ASP A 254 -12.40 -4.26 -2.89
N TRP A 255 -12.99 -5.41 -2.59
CA TRP A 255 -14.14 -5.46 -1.71
C TRP A 255 -13.78 -5.25 -0.24
N ASN A 256 -12.49 -5.24 0.07
CA ASN A 256 -12.05 -4.97 1.44
C ASN A 256 -12.03 -3.50 1.79
N ILE A 257 -12.21 -2.64 0.79
CA ILE A 257 -12.34 -1.22 1.05
C ILE A 257 -13.80 -0.93 1.38
N PRO A 258 -14.05 -0.30 2.53
CA PRO A 258 -15.43 0.03 2.91
C PRO A 258 -16.11 0.91 1.87
N TRP A 259 -17.41 0.71 1.67
CA TRP A 259 -18.15 1.43 0.64
C TRP A 259 -18.02 2.95 0.76
N ASP A 260 -18.12 3.49 1.97
CA ASP A 260 -18.04 4.95 2.09
C ASP A 260 -16.71 5.49 1.55
N GLN A 261 -15.63 4.75 1.80
CA GLN A 261 -14.32 5.15 1.29
C GLN A 261 -14.22 4.94 -0.22
N TRP A 262 -14.70 3.80 -0.70
CA TRP A 262 -14.66 3.52 -2.13
C TRP A 262 -15.46 4.57 -2.90
N ARG A 263 -16.68 4.81 -2.44
CA ARG A 263 -17.58 5.75 -3.11
C ARG A 263 -17.00 7.15 -3.14
N ALA A 264 -16.40 7.59 -2.04
CA ALA A 264 -15.81 8.93 -2.00
C ALA A 264 -14.70 9.07 -3.04
N GLY A 265 -14.07 7.96 -3.38
CA GLY A 265 -13.08 7.94 -4.44
C GLY A 265 -11.76 8.62 -4.10
N ASN A 266 -10.89 8.73 -5.10
CA ASN A 266 -9.60 9.37 -4.90
C ASN A 266 -9.16 10.18 -6.13
N ALA A 267 -10.13 10.84 -6.73
CA ALA A 267 -9.89 11.85 -7.74
C ALA A 267 -10.09 13.21 -7.08
N LYS A 268 -9.33 14.21 -7.50
CA LYS A 268 -9.41 15.52 -6.85
C LYS A 268 -10.81 16.11 -6.97
N ALA A 269 -11.26 16.77 -5.91
CA ALA A 269 -12.58 17.40 -5.90
C ALA A 269 -12.66 18.53 -6.93
N THR B 3 -1.77 30.89 -16.39
CA THR B 3 -0.61 31.64 -15.94
C THR B 3 0.60 31.33 -16.81
N PHE B 4 1.44 32.33 -17.02
CA PHE B 4 2.63 32.14 -17.84
C PHE B 4 3.91 32.29 -17.01
N GLN B 5 5.01 31.77 -17.54
CA GLN B 5 6.30 31.95 -16.91
C GLN B 5 6.80 33.39 -17.12
N THR B 6 7.63 33.86 -16.20
CA THR B 6 8.28 35.15 -16.34
C THR B 6 9.78 34.95 -16.47
N SER B 7 10.38 35.60 -17.45
CA SER B 7 11.82 35.52 -17.63
C SER B 7 12.55 36.24 -16.50
N SER B 8 13.61 35.62 -15.98
CA SER B 8 14.40 36.21 -14.93
C SER B 8 15.85 35.77 -15.04
N PRO B 9 16.79 36.63 -14.64
CA PRO B 9 18.21 36.25 -14.64
C PRO B 9 18.54 35.34 -13.47
N ALA B 10 17.66 35.31 -12.47
CA ALA B 10 17.85 34.45 -11.30
C ALA B 10 17.37 33.03 -11.61
N HIS B 11 17.98 32.05 -10.96
CA HIS B 11 17.68 30.66 -11.21
C HIS B 11 16.25 30.30 -10.78
N LEU B 12 15.57 29.52 -11.60
CA LEU B 12 14.27 28.98 -11.25
C LEU B 12 14.40 27.93 -10.15
N THR B 13 13.29 27.64 -9.49
CA THR B 13 13.26 26.54 -8.51
C THR B 13 12.16 25.53 -8.83
N MET B 14 12.49 24.26 -8.68
CA MET B 14 11.55 23.17 -8.96
C MET B 14 11.13 22.49 -7.66
N PRO B 15 9.81 22.30 -7.47
CA PRO B 15 9.29 21.59 -6.30
C PRO B 15 9.27 20.08 -6.51
N TYR B 16 9.41 19.35 -5.41
CA TYR B 16 9.31 17.90 -5.40
C TYR B 16 8.44 17.53 -4.24
N VAL B 17 7.43 16.71 -4.50
CA VAL B 17 6.44 16.36 -3.46
CA VAL B 17 6.45 16.36 -3.47
C VAL B 17 6.54 14.90 -3.03
N MET B 18 6.39 14.70 -1.72
CA MET B 18 6.24 13.38 -1.14
CA MET B 18 6.24 13.39 -1.11
C MET B 18 4.99 13.41 -0.25
N PRO B 19 4.33 12.26 -0.08
CA PRO B 19 4.65 10.94 -0.63
C PRO B 19 4.35 10.82 -2.11
N GLY B 20 4.73 9.68 -2.68
CA GLY B 20 4.64 9.44 -4.11
C GLY B 20 3.22 9.32 -4.63
N ASP B 21 3.06 9.67 -5.90
CA ASP B 21 1.76 9.63 -6.57
C ASP B 21 1.13 8.26 -6.48
N GLY B 22 -0.09 8.20 -5.97
CA GLY B 22 -0.87 6.97 -5.94
C GLY B 22 -0.58 6.06 -4.76
N GLU B 23 0.37 6.46 -3.92
CA GLU B 23 0.79 5.59 -2.81
C GLU B 23 -0.22 5.55 -1.68
N VAL B 24 -0.23 4.45 -0.94
CA VAL B 24 -0.95 4.37 0.33
C VAL B 24 0.09 4.52 1.43
N VAL B 25 -0.18 5.43 2.36
CA VAL B 25 0.74 5.71 3.45
C VAL B 25 0.02 5.66 4.78
N GLY B 26 0.79 5.59 5.87
CA GLY B 26 0.23 5.53 7.21
C GLY B 26 -0.30 6.86 7.74
N VAL B 27 -0.89 6.82 8.93
CA VAL B 27 -1.59 7.97 9.49
C VAL B 27 -0.67 9.08 9.98
N GLY B 28 0.63 8.83 9.98
CA GLY B 28 1.59 9.84 10.38
C GLY B 28 2.32 10.53 9.24
N GLU B 29 1.96 10.23 8.00
CA GLU B 29 2.71 10.78 6.86
C GLU B 29 2.41 12.26 6.61
N PRO B 30 3.42 13.13 6.73
CA PRO B 30 3.16 14.52 6.36
C PRO B 30 3.25 14.71 4.85
N VAL B 31 2.62 15.76 4.34
CA VAL B 31 2.89 16.19 2.98
C VAL B 31 4.21 16.93 3.03
N ALA B 32 5.09 16.63 2.10
CA ALA B 32 6.38 17.31 2.05
C ALA B 32 6.61 17.93 0.68
N ILE B 33 6.84 19.22 0.66
CA ILE B 33 7.21 19.91 -0.56
C ILE B 33 8.64 20.41 -0.42
N ARG B 34 9.53 19.80 -1.18
CA ARG B 34 10.93 20.15 -1.14
C ARG B 34 11.34 20.86 -2.42
N PHE B 35 11.96 22.02 -2.28
CA PHE B 35 12.46 22.74 -3.45
C PHE B 35 13.94 22.50 -3.65
N ASP B 36 14.41 22.66 -4.88
CA ASP B 36 15.85 22.54 -5.15
C ASP B 36 16.60 23.84 -4.91
N GLU B 37 15.91 24.81 -4.31
CA GLU B 37 16.51 26.08 -3.92
C GLU B 37 15.91 26.49 -2.59
N ASN B 38 16.67 27.27 -1.82
CA ASN B 38 16.11 27.92 -0.63
C ASN B 38 15.04 28.92 -1.06
N ILE B 39 13.96 28.99 -0.29
CA ILE B 39 12.82 29.85 -0.65
C ILE B 39 12.82 31.16 0.13
N ALA B 40 12.92 32.27 -0.60
CA ALA B 40 12.95 33.58 0.04
C ALA B 40 11.58 34.01 0.53
N ASP B 41 10.55 33.76 -0.28
CA ASP B 41 9.19 34.15 0.09
C ASP B 41 8.37 32.92 0.45
N ARG B 42 8.46 32.52 1.72
CA ARG B 42 7.76 31.33 2.19
C ARG B 42 6.25 31.47 2.05
N GLY B 43 5.73 32.65 2.34
CA GLY B 43 4.32 32.91 2.20
C GLY B 43 3.81 32.66 0.80
N ALA B 44 4.61 33.06 -0.19
CA ALA B 44 4.24 32.85 -1.59
C ALA B 44 4.21 31.35 -1.91
N ALA B 45 5.17 30.61 -1.38
CA ALA B 45 5.21 29.16 -1.59
C ALA B 45 3.99 28.50 -0.95
N GLU B 46 3.70 28.87 0.29
CA GLU B 46 2.53 28.32 0.97
C GLU B 46 1.24 28.64 0.23
N LYS B 47 1.10 29.87 -0.25
CA LYS B 47 -0.11 30.26 -0.98
C LYS B 47 -0.30 29.46 -2.27
N ALA B 48 0.80 29.02 -2.87
CA ALA B 48 0.75 28.29 -4.12
C ALA B 48 0.45 26.81 -3.93
N ILE B 49 0.50 26.35 -2.69
CA ILE B 49 0.30 24.92 -2.39
C ILE B 49 -1.13 24.70 -1.89
N LYS B 50 -1.91 23.98 -2.69
CA LYS B 50 -3.29 23.69 -2.35
C LYS B 50 -3.42 22.22 -1.96
N ILE B 51 -3.74 21.97 -0.69
CA ILE B 51 -3.92 20.61 -0.23
C ILE B 51 -5.40 20.35 0.00
N THR B 52 -5.92 19.35 -0.69
CA THR B 52 -7.33 19.02 -0.62
C THR B 52 -7.46 17.66 0.05
N THR B 53 -8.37 17.56 1.01
CA THR B 53 -8.53 16.32 1.76
C THR B 53 -9.96 15.82 1.73
N ASN B 54 -10.09 14.50 1.75
CA ASN B 54 -11.35 13.82 1.52
C ASN B 54 -11.40 12.64 2.47
N PRO B 55 -12.08 12.80 3.62
CA PRO B 55 -12.86 13.97 4.07
C PRO B 55 -12.00 15.15 4.52
N PRO B 56 -12.58 16.36 4.49
CA PRO B 56 -11.81 17.58 4.80
C PRO B 56 -11.30 17.63 6.23
N VAL B 57 -10.04 17.97 6.39
CA VAL B 57 -9.44 18.18 7.71
C VAL B 57 -8.52 19.39 7.65
N GLU B 58 -8.48 20.16 8.73
CA GLU B 58 -7.57 21.31 8.80
C GLU B 58 -6.13 20.86 9.03
N GLY B 59 -5.18 21.65 8.54
CA GLY B 59 -3.78 21.39 8.80
C GLY B 59 -2.99 22.67 8.73
N ALA B 60 -1.67 22.56 8.73
CA ALA B 60 -0.82 23.75 8.73
C ALA B 60 0.58 23.43 8.21
N PHE B 61 1.24 24.45 7.68
CA PHE B 61 2.60 24.35 7.16
C PHE B 61 3.65 24.63 8.23
N TYR B 62 4.74 23.88 8.18
CA TYR B 62 5.90 24.13 9.01
C TYR B 62 7.16 23.86 8.19
N TRP B 63 8.09 24.80 8.20
CA TRP B 63 9.32 24.63 7.40
C TRP B 63 10.38 23.83 8.16
N LEU B 64 10.74 22.68 7.60
CA LEU B 64 11.74 21.81 8.18
C LEU B 64 13.12 22.46 8.07
N ASN B 65 13.33 23.16 6.96
CA ASN B 65 14.53 23.95 6.73
C ASN B 65 14.22 25.00 5.66
N ASN B 66 15.24 25.59 5.05
CA ASN B 66 15.00 26.68 4.11
C ASN B 66 14.42 26.27 2.75
N ARG B 67 14.46 24.98 2.45
CA ARG B 67 13.99 24.48 1.16
C ARG B 67 12.83 23.49 1.24
N GLU B 68 12.49 23.05 2.44
CA GLU B 68 11.45 22.02 2.58
C GLU B 68 10.37 22.40 3.58
N VAL B 69 9.12 22.37 3.13
CA VAL B 69 7.99 22.67 3.99
C VAL B 69 7.13 21.41 4.15
N ARG B 70 6.59 21.23 5.36
CA ARG B 70 5.75 20.08 5.67
C ARG B 70 4.33 20.56 5.97
N TRP B 71 3.33 19.73 5.68
CA TRP B 71 1.95 20.06 6.03
C TRP B 71 1.32 18.83 6.65
N ARG B 72 0.61 19.01 7.76
CA ARG B 72 -0.07 17.89 8.40
C ARG B 72 -1.22 18.40 9.23
N PRO B 73 -2.15 17.52 9.58
CA PRO B 73 -3.22 17.89 10.52
C PRO B 73 -2.69 17.95 11.94
N GLU B 74 -3.54 18.41 12.86
CA GLU B 74 -3.22 18.46 14.27
C GLU B 74 -3.00 17.06 14.85
N HIS B 75 -3.86 16.12 14.45
CA HIS B 75 -3.75 14.74 14.90
C HIS B 75 -3.47 13.82 13.72
N PHE B 76 -3.13 12.57 14.02
CA PHE B 76 -2.90 11.62 12.94
C PHE B 76 -4.07 11.62 11.96
N TRP B 77 -3.77 11.36 10.69
CA TRP B 77 -4.81 11.26 9.66
C TRP B 77 -5.87 10.23 10.02
N LYS B 78 -7.11 10.50 9.60
CA LYS B 78 -8.16 9.50 9.64
C LYS B 78 -7.90 8.44 8.57
N PRO B 79 -7.90 7.16 8.96
CA PRO B 79 -7.71 6.11 7.95
C PRO B 79 -8.71 6.24 6.80
N GLY B 80 -8.23 6.03 5.59
CA GLY B 80 -9.09 6.09 4.41
C GLY B 80 -9.11 7.45 3.71
N THR B 81 -8.56 8.47 4.36
CA THR B 81 -8.54 9.81 3.79
C THR B 81 -7.81 9.83 2.45
N ALA B 82 -8.39 10.51 1.46
CA ALA B 82 -7.74 10.72 0.19
C ALA B 82 -7.21 12.15 0.15
N VAL B 83 -5.96 12.31 -0.28
CA VAL B 83 -5.31 13.60 -0.26
C VAL B 83 -4.86 13.99 -1.66
N ASP B 84 -5.14 15.24 -2.04
CA ASP B 84 -4.64 15.81 -3.28
C ASP B 84 -3.72 16.97 -2.96
N VAL B 85 -2.54 16.97 -3.55
CA VAL B 85 -1.60 18.06 -3.34
C VAL B 85 -1.37 18.73 -4.68
N ALA B 86 -1.80 19.98 -4.77
CA ALA B 86 -1.58 20.78 -5.96
C ALA B 86 -0.55 21.84 -5.64
N VAL B 87 0.67 21.64 -6.12
CA VAL B 87 1.71 22.63 -5.94
C VAL B 87 1.74 23.49 -7.21
N ASN B 88 1.01 24.59 -7.15
CA ASN B 88 0.78 25.45 -8.31
C ASN B 88 1.80 26.57 -8.40
N THR B 89 3.08 26.20 -8.51
CA THR B 89 4.16 27.17 -8.44
C THR B 89 4.65 27.70 -9.80
N TYR B 90 4.15 27.14 -10.90
CA TYR B 90 4.58 27.59 -12.22
C TYR B 90 4.39 29.08 -12.40
N GLY B 91 5.49 29.79 -12.64
CA GLY B 91 5.43 31.22 -12.89
C GLY B 91 5.11 32.06 -11.65
N VAL B 92 5.13 31.42 -10.48
CA VAL B 92 4.93 32.15 -9.24
C VAL B 92 6.24 32.74 -8.75
N ASP B 93 6.20 34.00 -8.36
CA ASP B 93 7.37 34.69 -7.82
C ASP B 93 7.60 34.26 -6.38
N LEU B 94 8.66 33.48 -6.17
CA LEU B 94 8.96 32.96 -4.84
C LEU B 94 10.03 33.80 -4.14
N GLY B 95 10.20 35.03 -4.59
CA GLY B 95 11.11 35.96 -3.96
C GLY B 95 12.45 36.10 -4.65
N GLU B 96 13.01 37.31 -4.60
CA GLU B 96 14.34 37.58 -5.13
C GLU B 96 14.52 37.12 -6.58
N GLY B 97 13.45 37.24 -7.38
CA GLY B 97 13.51 36.93 -8.79
C GLY B 97 13.45 35.45 -9.11
N MET B 98 13.24 34.63 -8.08
CA MET B 98 13.16 33.18 -8.24
CA MET B 98 13.17 33.19 -8.27
C MET B 98 11.73 32.75 -8.52
N PHE B 99 11.48 32.21 -9.71
CA PHE B 99 10.16 31.75 -10.10
C PHE B 99 10.04 30.23 -10.07
N GLY B 100 8.84 29.75 -9.81
CA GLY B 100 8.55 28.33 -9.88
C GLY B 100 8.72 27.80 -11.28
N GLU B 101 9.44 26.69 -11.42
CA GLU B 101 9.75 26.13 -12.72
C GLU B 101 8.58 25.36 -13.32
N ASP B 102 7.71 24.85 -12.46
CA ASP B 102 6.64 23.98 -12.93
C ASP B 102 5.61 23.80 -11.82
N ASN B 103 4.47 23.21 -12.19
CA ASN B 103 3.50 22.75 -11.22
C ASN B 103 3.77 21.30 -10.93
N VAL B 104 3.49 20.88 -9.70
CA VAL B 104 3.55 19.47 -9.36
C VAL B 104 2.24 19.09 -8.72
N GLN B 105 1.76 17.91 -9.05
CA GLN B 105 0.56 17.38 -8.42
C GLN B 105 0.79 15.95 -7.99
N THR B 106 0.14 15.57 -6.89
CA THR B 106 0.20 14.19 -6.41
CA THR B 106 0.20 14.20 -6.41
C THR B 106 -1.08 13.83 -5.67
N HIS B 107 -1.45 12.56 -5.74
CA HIS B 107 -2.55 12.02 -4.96
CA HIS B 107 -2.53 12.05 -4.93
C HIS B 107 -2.01 10.90 -4.09
N PHE B 108 -2.56 10.76 -2.90
CA PHE B 108 -2.22 9.61 -2.07
C PHE B 108 -3.36 9.35 -1.10
N THR B 109 -3.37 8.18 -0.50
CA THR B 109 -4.41 7.85 0.45
C THR B 109 -3.80 7.32 1.75
N ILE B 110 -4.56 7.42 2.82
CA ILE B 110 -4.14 6.96 4.14
C ILE B 110 -4.68 5.56 4.37
N GLY B 111 -3.81 4.63 4.77
CA GLY B 111 -4.23 3.29 5.08
C GLY B 111 -4.75 3.14 6.50
N ASP B 112 -4.72 1.91 7.02
CA ASP B 112 -5.12 1.63 8.40
C ASP B 112 -4.25 2.40 9.38
N GLU B 113 -4.80 2.66 10.57
CA GLU B 113 -4.02 3.23 11.66
C GLU B 113 -3.10 2.17 12.24
N VAL B 114 -1.81 2.36 12.10
CA VAL B 114 -0.83 1.40 12.61
C VAL B 114 0.12 2.16 13.51
N ILE B 115 0.07 1.83 14.80
CA ILE B 115 0.87 2.51 15.79
C ILE B 115 1.57 1.43 16.61
N ALA B 116 2.88 1.43 16.57
CA ALA B 116 3.70 0.48 17.32
C ALA B 116 4.35 1.20 18.49
N THR B 117 4.09 0.73 19.70
CA THR B 117 4.61 1.39 20.90
C THR B 117 5.73 0.56 21.52
N ALA B 118 6.90 1.18 21.64
CA ALA B 118 8.03 0.56 22.33
C ALA B 118 8.12 1.17 23.71
N ASP B 119 7.81 0.37 24.73
CA ASP B 119 7.77 0.85 26.11
C ASP B 119 9.00 0.32 26.84
N ASP B 120 9.89 1.21 27.24
CA ASP B 120 11.10 0.78 27.94
C ASP B 120 10.81 0.13 29.28
N ASN B 121 9.65 0.42 29.87
CA ASN B 121 9.28 -0.23 31.12
C ASN B 121 9.07 -1.74 30.97
N THR B 122 8.62 -2.16 29.79
CA THR B 122 8.30 -3.56 29.55
C THR B 122 9.27 -4.20 28.56
N LYS B 123 10.00 -3.36 27.84
CA LYS B 123 10.87 -3.80 26.76
C LYS B 123 10.14 -4.63 25.70
N ILE B 124 8.94 -4.14 25.39
CA ILE B 124 8.09 -4.74 24.36
CA ILE B 124 8.13 -4.74 24.34
C ILE B 124 7.69 -3.68 23.34
N LEU B 125 7.74 -4.05 22.06
CA LEU B 125 7.24 -3.24 20.97
C LEU B 125 5.91 -3.86 20.58
N THR B 126 4.82 -3.14 20.84
CA THR B 126 3.48 -3.66 20.60
C THR B 126 2.83 -2.96 19.40
N VAL B 127 2.42 -3.74 18.40
CA VAL B 127 1.86 -3.16 17.19
C VAL B 127 0.34 -3.22 17.23
N ARG B 128 -0.29 -2.05 17.10
CA ARG B 128 -1.74 -1.97 17.08
C ARG B 128 -2.21 -1.51 15.70
N VAL B 129 -3.20 -2.22 15.17
CA VAL B 129 -3.80 -1.88 13.90
C VAL B 129 -5.25 -1.51 14.17
N ASN B 130 -5.60 -0.26 13.88
CA ASN B 130 -6.92 0.28 14.21
C ASN B 130 -7.33 -0.01 15.65
N GLY B 131 -6.36 0.13 16.56
CA GLY B 131 -6.61 -0.01 17.98
C GLY B 131 -6.43 -1.39 18.58
N GLU B 132 -6.29 -2.40 17.72
CA GLU B 132 -6.17 -3.79 18.16
C GLU B 132 -4.73 -4.29 18.13
N VAL B 133 -4.27 -4.86 19.23
CA VAL B 133 -2.94 -5.44 19.26
C VAL B 133 -2.87 -6.64 18.34
N VAL B 134 -1.94 -6.61 17.38
CA VAL B 134 -1.75 -7.75 16.49
C VAL B 134 -0.38 -8.41 16.65
N LYS B 135 0.56 -7.68 17.23
CA LYS B 135 1.89 -8.23 17.50
C LYS B 135 2.42 -7.69 18.81
N SER B 136 3.08 -8.56 19.57
CA SER B 136 3.79 -8.17 20.78
C SER B 136 5.21 -8.68 20.60
N MET B 137 6.15 -7.75 20.45
CA MET B 137 7.52 -8.10 20.04
C MET B 137 8.51 -7.72 21.12
N PRO B 138 9.11 -8.71 21.80
CA PRO B 138 10.20 -8.36 22.71
C PRO B 138 11.28 -7.58 21.97
N THR B 139 11.80 -6.54 22.61
CA THR B 139 12.79 -5.70 21.96
C THR B 139 13.93 -5.37 22.92
N SER B 140 15.08 -5.05 22.34
CA SER B 140 16.20 -4.54 23.12
C SER B 140 16.57 -3.19 22.50
N MET B 141 16.48 -2.14 23.30
CA MET B 141 16.74 -0.78 22.81
C MET B 141 18.12 -0.29 23.26
N GLY B 142 18.36 1.01 23.15
CA GLY B 142 19.69 1.54 23.42
C GLY B 142 20.15 1.37 24.86
N LYS B 143 21.41 0.97 25.03
CA LYS B 143 22.03 0.91 26.35
C LYS B 143 21.89 2.27 27.04
N ASP B 144 22.03 2.28 28.36
CA ASP B 144 21.93 3.52 29.12
C ASP B 144 22.85 4.60 28.58
N SER B 145 24.02 4.18 28.08
CA SER B 145 25.02 5.12 27.59
C SER B 145 24.74 5.60 26.17
N THR B 146 23.90 4.87 25.44
CA THR B 146 23.49 5.26 24.09
C THR B 146 22.02 4.95 23.91
N PRO B 147 21.15 5.66 24.65
CA PRO B 147 19.73 5.30 24.71
C PRO B 147 18.92 5.69 23.47
N THR B 148 17.79 5.02 23.31
CA THR B 148 16.84 5.37 22.27
C THR B 148 16.01 6.54 22.75
N ALA B 149 15.90 7.60 21.94
CA ALA B 149 15.11 8.75 22.33
C ALA B 149 13.63 8.42 22.39
N ASN B 150 12.95 8.97 23.38
CA ASN B 150 11.49 8.88 23.42
C ASN B 150 10.90 9.74 22.30
N GLY B 151 9.64 9.48 21.96
CA GLY B 151 8.95 10.34 21.02
C GLY B 151 8.19 9.59 19.95
N ILE B 152 7.61 10.35 19.04
CA ILE B 152 6.84 9.79 17.93
C ILE B 152 7.71 9.79 16.69
N TYR B 153 7.86 8.62 16.07
CA TYR B 153 8.68 8.44 14.89
C TYR B 153 7.80 8.06 13.72
N ILE B 154 8.02 8.68 12.57
CA ILE B 154 7.33 8.29 11.36
C ILE B 154 8.13 7.23 10.61
N VAL B 155 7.49 6.12 10.26
CA VAL B 155 8.17 5.10 9.47
C VAL B 155 8.55 5.63 8.10
N GLY B 156 9.80 5.39 7.70
CA GLY B 156 10.30 5.82 6.41
C GLY B 156 10.61 4.65 5.49
N SER B 157 11.84 4.61 4.99
CA SER B 157 12.27 3.57 4.06
C SER B 157 12.49 2.22 4.74
N ARG B 158 12.58 1.17 3.92
CA ARG B 158 12.84 -0.16 4.45
C ARG B 158 13.85 -0.89 3.57
N TYR B 159 14.62 -1.77 4.19
CA TYR B 159 15.68 -2.50 3.49
C TYR B 159 15.66 -3.96 3.88
N LYS B 160 15.61 -4.85 2.89
CA LYS B 160 15.69 -6.27 3.17
C LYS B 160 17.04 -6.60 3.82
N HIS B 161 18.08 -5.93 3.36
CA HIS B 161 19.40 -6.08 3.94
C HIS B 161 20.18 -4.78 3.79
N ILE B 162 20.87 -4.38 4.85
CA ILE B 162 21.70 -3.20 4.84
C ILE B 162 22.82 -3.33 5.86
N ILE B 163 23.92 -2.63 5.64
CA ILE B 163 25.03 -2.64 6.59
C ILE B 163 25.04 -1.38 7.44
N MET B 164 25.12 -1.56 8.75
CA MET B 164 25.28 -0.45 9.67
C MET B 164 26.75 -0.36 10.04
N ASP B 165 27.30 0.84 9.95
CA ASP B 165 28.74 1.02 10.07
C ASP B 165 29.04 2.30 10.85
N SER B 166 29.73 2.17 11.97
CA SER B 166 29.98 3.29 12.86
C SER B 166 30.83 4.39 12.22
N SER B 167 31.58 4.02 11.18
CA SER B 167 32.46 4.99 10.53
C SER B 167 31.68 6.02 9.71
N THR B 168 30.39 5.79 9.52
CA THR B 168 29.56 6.76 8.79
C THR B 168 29.29 8.00 9.64
N TYR B 169 29.56 7.91 10.94
CA TYR B 169 29.45 9.07 11.81
C TYR B 169 30.76 9.37 12.57
N GLY B 170 31.88 8.92 12.01
CA GLY B 170 33.18 9.31 12.52
C GLY B 170 33.94 8.28 13.36
N VAL B 171 33.25 7.22 13.76
CA VAL B 171 33.88 6.21 14.62
C VAL B 171 34.39 5.02 13.82
N PRO B 172 35.72 4.85 13.78
CA PRO B 172 36.35 3.76 13.03
C PRO B 172 35.84 2.40 13.50
N VAL B 173 35.60 1.49 12.55
CA VAL B 173 35.15 0.15 12.90
C VAL B 173 36.16 -0.51 13.84
N ASN B 174 37.44 -0.29 13.58
CA ASN B 174 38.51 -0.83 14.41
C ASN B 174 38.74 0.00 15.68
N SER B 175 37.75 0.03 16.55
CA SER B 175 37.86 0.74 17.83
C SER B 175 36.82 0.22 18.81
N PRO B 176 36.97 0.57 20.10
CA PRO B 176 36.08 0.08 21.15
C PRO B 176 34.58 0.21 20.82
N ASN B 177 34.15 1.40 20.40
CA ASN B 177 32.73 1.64 20.12
C ASN B 177 32.35 1.34 18.67
N GLY B 178 33.35 0.96 17.86
CA GLY B 178 33.14 0.76 16.43
C GLY B 178 32.44 -0.53 16.06
N TYR B 179 31.83 -0.54 14.88
CA TYR B 179 31.14 -1.73 14.40
C TYR B 179 30.83 -1.64 12.91
N ARG B 180 30.76 -2.81 12.28
CA ARG B 180 30.26 -2.95 10.92
C ARG B 180 29.37 -4.17 10.93
N THR B 181 28.08 -3.98 10.72
CA THR B 181 27.10 -5.00 10.99
C THR B 181 26.11 -5.21 9.84
N ASP B 182 26.07 -6.42 9.32
CA ASP B 182 25.03 -6.82 8.38
C ASP B 182 23.73 -6.98 9.13
N VAL B 183 22.67 -6.32 8.65
CA VAL B 183 21.36 -6.40 9.28
CA VAL B 183 21.37 -6.46 9.29
C VAL B 183 20.27 -6.74 8.27
N ASP B 184 19.35 -7.62 8.65
CA ASP B 184 18.22 -7.97 7.80
C ASP B 184 16.97 -7.23 8.25
N TRP B 185 16.07 -7.00 7.30
CA TRP B 185 14.72 -6.50 7.62
C TRP B 185 14.76 -5.23 8.46
N ALA B 186 15.32 -4.18 7.88
CA ALA B 186 15.53 -2.94 8.60
C ALA B 186 14.54 -1.89 8.15
N THR B 187 13.69 -1.46 9.09
CA THR B 187 12.72 -0.41 8.82
C THR B 187 13.20 0.88 9.49
N GLN B 188 13.43 1.92 8.68
CA GLN B 188 13.95 3.17 9.21
C GLN B 188 12.84 3.97 9.88
N ILE B 189 13.13 4.52 11.06
CA ILE B 189 12.14 5.36 11.74
C ILE B 189 12.63 6.76 12.15
N SER B 190 13.92 7.05 11.95
CA SER B 190 14.40 8.43 12.01
C SER B 190 15.52 8.68 10.99
N TYR B 191 15.73 9.96 10.63
CA TYR B 191 16.88 10.34 9.82
C TYR B 191 18.17 10.16 10.59
N SER B 192 18.10 10.34 11.91
CA SER B 192 19.27 10.22 12.76
C SER B 192 19.79 8.79 12.73
N GLY B 193 18.98 7.88 12.19
CA GLY B 193 19.44 6.52 11.91
C GLY B 193 18.84 5.44 12.77
N VAL B 194 17.71 5.72 13.43
CA VAL B 194 17.04 4.71 14.22
C VAL B 194 16.25 3.77 13.31
N PHE B 195 16.44 2.47 13.53
CA PHE B 195 15.77 1.43 12.75
C PHE B 195 15.15 0.42 13.72
N VAL B 196 14.05 -0.20 13.27
CA VAL B 196 13.61 -1.46 13.82
C VAL B 196 14.23 -2.50 12.89
N HIS B 197 14.94 -3.48 13.44
CA HIS B 197 15.61 -4.45 12.58
C HIS B 197 15.85 -5.78 13.26
N SER B 198 16.20 -6.77 12.46
CA SER B 198 16.50 -8.11 12.97
C SER B 198 17.82 -8.09 13.74
N ALA B 199 17.82 -8.72 14.91
CA ALA B 199 19.02 -8.78 15.73
C ALA B 199 19.11 -10.13 16.40
N PRO B 200 19.54 -11.14 15.64
CA PRO B 200 19.63 -12.50 16.19
C PRO B 200 20.56 -12.54 17.40
N TRP B 201 21.53 -11.64 17.43
CA TRP B 201 22.54 -11.63 18.48
C TRP B 201 22.01 -11.20 19.85
N SER B 202 20.83 -10.58 19.88
CA SER B 202 20.32 -10.08 21.15
C SER B 202 18.96 -10.68 21.54
N VAL B 203 18.59 -11.78 20.91
CA VAL B 203 17.29 -12.40 21.16
C VAL B 203 17.07 -12.72 22.66
N GLY B 204 18.11 -13.16 23.35
CA GLY B 204 18.00 -13.43 24.77
C GLY B 204 17.74 -12.19 25.61
N ALA B 205 18.26 -11.06 25.16
CA ALA B 205 18.10 -9.79 25.89
C ALA B 205 16.78 -9.11 25.55
N GLN B 206 16.23 -9.39 24.38
CA GLN B 206 14.99 -8.75 23.94
C GLN B 206 13.87 -9.08 24.94
N GLY B 207 13.20 -8.03 25.42
CA GLY B 207 12.18 -8.17 26.44
C GLY B 207 12.74 -8.07 27.86
N HIS B 208 14.06 -7.91 27.98
CA HIS B 208 14.71 -7.93 29.29
C HIS B 208 15.72 -6.81 29.55
N THR B 209 16.66 -6.64 28.63
CA THR B 209 17.70 -5.65 28.84
CA THR B 209 17.76 -5.70 28.83
C THR B 209 18.04 -4.94 27.54
N ASN B 210 18.45 -3.67 27.68
CA ASN B 210 18.84 -2.86 26.53
C ASN B 210 20.31 -3.04 26.20
N THR B 211 20.61 -3.37 24.94
CA THR B 211 21.97 -3.69 24.54
C THR B 211 22.42 -2.99 23.26
N SER B 212 21.52 -2.21 22.65
CA SER B 212 21.81 -1.65 21.33
C SER B 212 22.46 -0.27 21.37
N HIS B 213 22.76 0.26 20.18
CA HIS B 213 23.30 1.61 20.05
C HIS B 213 22.18 2.65 19.94
N GLY B 214 20.94 2.18 20.03
CA GLY B 214 19.77 3.05 19.94
C GLY B 214 18.69 2.48 19.04
N CYS B 215 19.06 1.56 18.16
CA CYS B 215 18.08 0.91 17.31
C CYS B 215 17.19 -0.02 18.13
N LEU B 216 16.03 -0.36 17.57
CA LEU B 216 15.12 -1.28 18.22
C LEU B 216 15.37 -2.69 17.69
N ASN B 217 16.12 -3.47 18.46
CA ASN B 217 16.41 -4.85 18.11
C ASN B 217 15.20 -5.72 18.37
N VAL B 218 14.80 -6.51 17.37
CA VAL B 218 13.76 -7.52 17.55
C VAL B 218 14.21 -8.83 16.89
N SER B 219 13.42 -9.90 17.03
CA SER B 219 13.78 -11.19 16.47
C SER B 219 13.73 -11.12 14.94
N PRO B 220 14.47 -12.00 14.27
CA PRO B 220 14.40 -12.05 12.80
C PRO B 220 12.97 -12.15 12.28
N SER B 221 12.15 -13.00 12.88
CA SER B 221 10.77 -13.19 12.43
CA SER B 221 10.77 -13.18 12.44
C SER B 221 9.93 -11.92 12.63
N ASN B 222 10.08 -11.29 13.80
CA ASN B 222 9.35 -10.05 14.07
C ASN B 222 9.80 -8.90 13.19
N ALA B 223 11.10 -8.83 12.91
CA ALA B 223 11.62 -7.80 12.02
C ALA B 223 11.08 -7.98 10.60
N GLN B 224 11.03 -9.22 10.13
CA GLN B 224 10.50 -9.49 8.81
C GLN B 224 9.02 -9.12 8.76
N TRP B 225 8.28 -9.44 9.82
CA TRP B 225 6.87 -9.08 9.87
C TRP B 225 6.72 -7.56 9.77
N PHE B 226 7.54 -6.85 10.54
CA PHE B 226 7.50 -5.39 10.55
C PHE B 226 7.78 -4.85 9.15
N TYR B 227 8.79 -5.42 8.50
CA TYR B 227 9.15 -5.01 7.15
C TYR B 227 8.00 -5.25 6.16
N ASP B 228 7.31 -6.38 6.32
CA ASP B 228 6.24 -6.77 5.41
C ASP B 228 4.92 -6.03 5.62
N HIS B 229 4.64 -5.63 6.86
CA HIS B 229 3.32 -5.13 7.21
C HIS B 229 3.23 -3.67 7.62
N VAL B 230 4.36 -3.08 7.99
CA VAL B 230 4.38 -1.67 8.39
C VAL B 230 4.87 -0.84 7.20
N LYS B 231 4.12 0.20 6.85
CA LYS B 231 4.43 1.00 5.65
C LYS B 231 4.88 2.41 6.00
N ARG B 232 5.46 3.11 5.03
CA ARG B 232 5.86 4.49 5.27
C ARG B 232 4.67 5.27 5.80
N GLY B 233 4.92 6.08 6.82
CA GLY B 233 3.88 6.89 7.41
C GLY B 233 3.21 6.26 8.60
N ASP B 234 3.40 4.95 8.80
CA ASP B 234 2.96 4.33 10.04
C ASP B 234 3.77 4.93 11.20
N ILE B 235 3.37 4.65 12.43
CA ILE B 235 3.93 5.34 13.58
C ILE B 235 4.59 4.36 14.54
N VAL B 236 5.80 4.71 14.99
CA VAL B 236 6.41 4.07 16.15
C VAL B 236 6.52 5.10 17.28
N GLU B 237 5.98 4.79 18.44
CA GLU B 237 6.15 5.69 19.58
C GLU B 237 7.00 5.01 20.63
N VAL B 238 8.08 5.68 21.02
CA VAL B 238 8.93 5.18 22.09
C VAL B 238 8.61 5.94 23.37
N VAL B 239 8.43 5.19 24.46
CA VAL B 239 8.12 5.82 25.75
C VAL B 239 8.97 5.22 26.88
N ASN B 240 9.23 6.04 27.89
CA ASN B 240 9.83 5.61 29.16
C ASN B 240 11.32 5.21 29.13
N THR B 241 12.05 5.58 28.07
CA THR B 241 13.48 5.35 28.07
C THR B 241 14.18 6.44 28.89
N VAL B 242 15.45 6.23 29.19
CA VAL B 242 16.24 7.26 29.87
C VAL B 242 16.83 8.25 28.87
N GLY B 243 16.40 8.15 27.61
CA GLY B 243 16.87 9.06 26.58
C GLY B 243 16.06 10.34 26.60
N GLY B 244 16.35 11.23 25.66
CA GLY B 244 15.62 12.48 25.54
C GLY B 244 14.43 12.31 24.62
N THR B 245 14.11 13.35 23.85
CA THR B 245 13.02 13.28 22.89
C THR B 245 13.56 13.50 21.48
N LEU B 246 13.05 12.72 20.53
CA LEU B 246 13.45 12.88 19.14
C LEU B 246 13.18 14.31 18.67
N PRO B 247 14.19 14.95 18.06
CA PRO B 247 14.02 16.32 17.55
C PRO B 247 12.90 16.43 16.52
N GLY B 248 12.10 17.48 16.62
CA GLY B 248 10.99 17.70 15.70
C GLY B 248 11.44 17.85 14.25
N ILE B 249 12.67 18.34 14.06
CA ILE B 249 13.17 18.53 12.71
C ILE B 249 14.15 17.44 12.27
N ASP B 250 14.00 16.25 12.85
CA ASP B 250 14.82 15.12 12.45
C ASP B 250 14.66 14.82 10.97
N GLY B 251 13.44 14.97 10.48
CA GLY B 251 13.07 14.52 9.15
C GLY B 251 11.88 13.56 9.21
N LEU B 252 11.84 12.77 10.27
CA LEU B 252 10.71 11.87 10.53
C LEU B 252 10.14 12.15 11.92
N GLY B 253 10.51 13.30 12.49
CA GLY B 253 10.13 13.63 13.86
C GLY B 253 9.03 14.66 14.01
N ASP B 254 8.32 14.95 12.91
CA ASP B 254 7.33 16.03 12.84
C ASP B 254 6.32 16.08 13.99
N TRP B 255 5.86 14.92 14.45
CA TRP B 255 4.80 14.89 15.45
C TRP B 255 5.26 15.26 16.86
N ASN B 256 6.57 15.41 17.05
CA ASN B 256 7.11 15.82 18.34
C ASN B 256 7.04 17.33 18.55
N ILE B 257 6.72 18.05 17.49
CA ILE B 257 6.49 19.48 17.61
C ILE B 257 5.05 19.68 18.03
N PRO B 258 4.83 20.31 19.20
CA PRO B 258 3.48 20.58 19.69
C PRO B 258 2.68 21.37 18.66
N TRP B 259 1.39 21.08 18.57
CA TRP B 259 0.55 21.70 17.56
C TRP B 259 0.60 23.22 17.55
N ASP B 260 0.63 23.85 18.72
CA ASP B 260 0.67 25.31 18.73
C ASP B 260 1.95 25.83 18.08
N GLN B 261 3.06 25.13 18.29
CA GLN B 261 4.33 25.50 17.69
C GLN B 261 4.35 25.18 16.19
N TRP B 262 3.76 24.04 15.81
CA TRP B 262 3.69 23.67 14.40
C TRP B 262 2.89 24.69 13.60
N ARG B 263 1.68 24.99 14.08
CA ARG B 263 0.80 25.86 13.34
C ARG B 263 1.32 27.28 13.31
N ALA B 264 1.95 27.71 14.40
CA ALA B 264 2.53 29.04 14.42
C ALA B 264 3.49 29.12 13.25
N GLY B 265 4.01 27.96 12.87
CA GLY B 265 4.91 27.85 11.74
C GLY B 265 6.16 28.69 11.91
N ASN B 266 6.84 28.95 10.82
CA ASN B 266 8.06 29.75 10.85
C ASN B 266 8.29 30.46 9.52
C1 GOL C . -18.78 -7.07 0.30
O1 GOL C . -18.88 -7.34 1.67
C2 GOL C . -20.16 -6.74 -0.26
O2 GOL C . -20.84 -5.90 0.63
C3 GOL C . -20.93 -8.04 -0.46
O3 GOL C . -22.18 -7.74 -1.05
C1 MXR D . 1.39 -19.27 -1.81
C2 MXR D . 3.24 -15.02 -0.28
C3 MXR D . 2.43 -18.22 -2.19
C4 MXR D . 2.83 -17.39 -0.97
C5 MXR D . 1.92 -15.56 0.14
O6 MXR D . 1.72 -19.96 -0.64
C7 MXR D . 3.63 -18.82 -2.92
O8 MXR D . 3.10 -19.60 -3.97
C9 MXR D . 4.48 -19.71 -2.00
N10 MXR D . 1.67 -16.87 -0.25
C11 MXR D . 0.88 -14.70 0.94
O12 MXR D . -0.10 -15.31 1.44
O13 MXR D . 1.13 -13.48 1.03
S14 MXR D . 4.48 -15.12 1.10
C15 MXR D . 5.34 -13.49 1.15
C16 MXR D . 4.31 -12.38 1.37
C17 MXR D . 4.78 -11.54 2.59
C18 MXR D . 3.62 -16.05 -1.36
N19 MXR D . 6.15 -11.97 2.76
C20 MXR D . 3.14 -15.54 -2.71
C21 MXR D . 6.28 -13.37 2.35
C22 MXR D . 4.63 -10.04 2.26
N23 MXR D . 3.39 -9.42 2.56
O24 MXR D . 5.53 -9.40 1.74
C25 MXR D . 3.22 -7.99 2.24
C26 MXR D . 2.27 -10.11 3.17
C1 GOL E . -1.51 12.11 17.31
O1 GOL E . -2.87 12.31 16.97
C2 GOL E . -1.09 12.99 18.49
O2 GOL E . -1.81 14.20 18.49
C3 GOL E . 0.39 13.28 18.38
O3 GOL E . 0.86 13.86 19.59
C1 MXR F . 20.99 1.74 15.50
C2 MXR F . 22.79 5.76 16.41
C3 MXR F . 21.47 2.66 14.35
C4 MXR F . 22.31 3.93 14.74
C5 MXR F . 23.84 4.69 16.31
O6 MXR F . 21.81 1.76 16.61
C7 MXR F . 22.19 1.90 13.21
O8 MXR F . 23.33 1.31 13.79
C9 MXR F . 22.60 2.84 12.08
N10 MXR F . 23.58 3.66 15.40
C11 MXR F . 25.13 4.71 17.18
O12 MXR F . 25.98 3.79 16.98
O13 MXR F . 25.23 5.65 18.00
S14 MXR F . 23.27 7.26 15.43
C15 MXR F . 24.48 8.24 16.42
C16 MXR F . 25.24 9.19 15.51
C17 MXR F . 25.52 10.45 16.39
C18 MXR F . 21.62 5.05 15.69
N19 MXR F . 24.46 10.43 17.37
C20 MXR F . 20.69 4.46 16.72
C21 MXR F . 23.74 9.15 17.40
C22 MXR F . 26.92 10.34 17.01
N23 MXR F . 27.97 11.13 16.48
O24 MXR F . 27.15 9.59 17.94
C25 MXR F . 29.32 11.02 17.07
C26 MXR F . 27.80 12.06 15.35
#